data_1IH8
#
_entry.id   1IH8
#
_cell.length_a   52.599
_cell.length_b   85.411
_cell.length_c   60.253
_cell.angle_alpha   90.00
_cell.angle_beta   110.88
_cell.angle_gamma   90.00
#
_symmetry.space_group_name_H-M   'P 1 21 1'
#
loop_
_entity.id
_entity.type
_entity.pdbx_description
1 polymer 'NH(3)-DEPENDENT NAD(+) synthetase'
2 non-polymer 'MAGNESIUM ION'
3 non-polymer 'DIPHOSPHOMETHYLPHOSPHONIC ACID ADENOSYL ESTER'
4 water water
#
_entity_poly.entity_id   1
_entity_poly.type   'polypeptide(L)'
_entity_poly.pdbx_seq_one_letter_code
;SMQEKIMRELHVKPSIDPKQEIEDRVNFLKQYVKKTGAKGFVLGISGGQDSTLAGRLAQLAVESIREEGGDAQFIAVRLP
HGTQQDEDDAQLALKFIKPDKSWKFDIKSTVSAFSDQYQQETGDQLTDFNKGNVKARTRMIAQYAIGGQEGLLVLGTDHA
AEAVTGFFTKYGDGGADLLPLTGLTKRQGRTLLKELGAPERLYLKEPTADLLDEKPQQSDETELGISYDEIDDYLEGKEV
SAKVSEALEKRYSMTEHKRQVPASMFDDWWK
;
_entity_poly.pdbx_strand_id   A,B
#
loop_
_chem_comp.id
_chem_comp.type
_chem_comp.name
_chem_comp.formula
APC non-polymer 'DIPHOSPHOMETHYLPHOSPHONIC ACID ADENOSYL ESTER' 'C11 H18 N5 O12 P3'
MG non-polymer 'MAGNESIUM ION' 'Mg 2'
#
# COMPACT_ATOMS: atom_id res chain seq x y z
N SER A 1 20.64 20.31 10.17
CA SER A 1 19.26 20.56 10.68
C SER A 1 18.30 19.48 10.20
N MET A 2 17.13 19.41 10.83
CA MET A 2 16.13 18.43 10.45
C MET A 2 15.60 18.76 9.06
N GLN A 3 15.54 20.05 8.75
CA GLN A 3 15.04 20.48 7.44
C GLN A 3 15.93 19.92 6.33
N GLU A 4 17.24 20.00 6.53
CA GLU A 4 18.17 19.48 5.53
C GLU A 4 18.04 17.96 5.43
N LYS A 5 17.78 17.30 6.55
CA LYS A 5 17.64 15.85 6.54
C LYS A 5 16.38 15.44 5.79
N ILE A 6 15.26 16.08 6.13
CA ILE A 6 14.00 15.78 5.45
C ILE A 6 14.15 16.03 3.95
N MET A 7 14.83 17.12 3.60
CA MET A 7 15.05 17.45 2.19
C MET A 7 15.79 16.33 1.46
N ARG A 8 16.83 15.81 2.08
CA ARG A 8 17.60 14.73 1.47
C ARG A 8 16.76 13.47 1.35
N GLU A 9 16.09 13.11 2.44
CA GLU A 9 15.26 11.90 2.46
C GLU A 9 14.16 11.93 1.41
N LEU A 10 13.60 13.11 1.16
CA LEU A 10 12.53 13.25 0.19
C LEU A 10 13.02 13.56 -1.21
N HIS A 11 14.34 13.66 -1.37
CA HIS A 11 14.96 13.93 -2.67
C HIS A 11 14.61 15.28 -3.30
N VAL A 12 14.43 16.30 -2.48
CA VAL A 12 14.07 17.61 -3.01
C VAL A 12 15.28 18.46 -3.43
N LYS A 13 15.09 19.23 -4.49
CA LYS A 13 16.14 20.12 -4.97
C LYS A 13 15.64 21.55 -4.82
N PRO A 14 16.43 22.41 -4.16
CA PRO A 14 16.04 23.80 -3.95
C PRO A 14 15.66 24.55 -5.23
N SER A 15 16.37 24.26 -6.32
CA SER A 15 16.08 24.89 -7.60
C SER A 15 16.14 23.83 -8.68
N ILE A 16 15.24 23.92 -9.65
CA ILE A 16 15.20 22.94 -10.71
C ILE A 16 15.25 23.51 -12.11
N ASP A 17 15.57 22.64 -13.04
CA ASP A 17 15.61 22.94 -14.46
C ASP A 17 14.41 22.14 -14.97
N PRO A 18 13.26 22.83 -15.18
CA PRO A 18 12.01 22.23 -15.65
C PRO A 18 12.17 21.23 -16.79
N LYS A 19 12.85 21.64 -17.86
CA LYS A 19 13.04 20.77 -19.00
C LYS A 19 13.83 19.51 -18.63
N GLN A 20 14.84 19.67 -17.80
CA GLN A 20 15.66 18.52 -17.40
C GLN A 20 14.87 17.58 -16.48
N GLU A 21 14.03 18.13 -15.62
CA GLU A 21 13.21 17.32 -14.71
C GLU A 21 12.27 16.44 -15.53
N ILE A 22 11.66 17.04 -16.55
CA ILE A 22 10.75 16.31 -17.41
C ILE A 22 11.46 15.16 -18.10
N GLU A 23 12.67 15.41 -18.62
CA GLU A 23 13.41 14.35 -19.29
C GLU A 23 13.75 13.24 -18.30
N ASP A 24 14.26 13.60 -17.11
CA ASP A 24 14.61 12.60 -16.11
C ASP A 24 13.44 11.69 -15.76
N ARG A 25 12.28 12.28 -15.52
CA ARG A 25 11.10 11.54 -15.13
C ARG A 25 10.50 10.70 -16.26
N VAL A 26 10.51 11.23 -17.48
CA VAL A 26 10.02 10.46 -18.62
C VAL A 26 10.99 9.29 -18.84
N ASN A 27 12.29 9.57 -18.74
CA ASN A 27 13.30 8.55 -18.92
C ASN A 27 13.17 7.43 -17.89
N PHE A 28 12.81 7.79 -16.67
CA PHE A 28 12.62 6.80 -15.62
C PHE A 28 11.45 5.90 -16.00
N LEU A 29 10.34 6.51 -16.40
CA LEU A 29 9.16 5.74 -16.79
C LEU A 29 9.52 4.76 -17.91
N LYS A 30 10.28 5.22 -18.89
CA LYS A 30 10.69 4.37 -20.00
C LYS A 30 11.55 3.21 -19.51
N GLN A 31 12.57 3.52 -18.72
CA GLN A 31 13.47 2.50 -18.19
C GLN A 31 12.73 1.44 -17.39
N TYR A 32 11.82 1.87 -16.51
CA TYR A 32 11.08 0.95 -15.66
C TYR A 32 10.16 0.01 -16.44
N VAL A 33 9.39 0.57 -17.36
CA VAL A 33 8.47 -0.28 -18.12
C VAL A 33 9.28 -1.24 -19.00
N LYS A 34 10.40 -0.77 -19.52
CA LYS A 34 11.27 -1.60 -20.37
C LYS A 34 11.83 -2.78 -19.57
N LYS A 35 12.31 -2.48 -18.37
CA LYS A 35 12.88 -3.51 -17.49
C LYS A 35 11.86 -4.58 -17.10
N THR A 36 10.68 -4.14 -16.68
CA THR A 36 9.62 -5.04 -16.25
C THR A 36 8.91 -5.78 -17.39
N GLY A 37 9.00 -5.24 -18.60
CA GLY A 37 8.34 -5.87 -19.73
C GLY A 37 6.85 -5.58 -19.78
N ALA A 38 6.40 -4.62 -18.96
CA ALA A 38 4.98 -4.26 -18.92
C ALA A 38 4.53 -3.62 -20.24
N LYS A 39 3.23 -3.62 -20.48
CA LYS A 39 2.67 -3.05 -21.71
C LYS A 39 2.46 -1.54 -21.66
N GLY A 40 2.60 -0.96 -20.47
CA GLY A 40 2.40 0.47 -20.34
C GLY A 40 1.95 0.84 -18.95
N PHE A 41 1.16 1.92 -18.85
CA PHE A 41 0.69 2.40 -17.55
C PHE A 41 -0.80 2.69 -17.50
N VAL A 42 -1.31 2.79 -16.28
CA VAL A 42 -2.70 3.14 -16.01
C VAL A 42 -2.66 4.12 -14.85
N LEU A 43 -3.52 5.14 -14.89
CA LEU A 43 -3.56 6.13 -13.81
C LEU A 43 -4.90 6.86 -13.75
N GLY A 44 -5.40 7.05 -12.53
CA GLY A 44 -6.66 7.76 -12.36
C GLY A 44 -6.43 9.25 -12.57
N ILE A 45 -7.28 9.86 -13.39
CA ILE A 45 -7.19 11.29 -13.69
C ILE A 45 -8.32 11.99 -12.94
N SER A 46 -7.95 12.72 -11.88
CA SER A 46 -8.93 13.40 -11.02
C SER A 46 -9.30 14.83 -11.43
N GLY A 47 -8.47 15.46 -12.25
CA GLY A 47 -8.73 16.83 -12.62
C GLY A 47 -7.82 17.72 -11.78
N GLY A 48 -7.12 17.08 -10.84
CA GLY A 48 -6.21 17.81 -9.96
C GLY A 48 -4.81 17.89 -10.51
N GLN A 49 -3.99 18.76 -9.93
CA GLN A 49 -2.62 18.96 -10.40
C GLN A 49 -1.76 17.72 -10.53
N ASP A 50 -1.64 16.95 -9.45
CA ASP A 50 -0.78 15.78 -9.46
C ASP A 50 -1.02 14.74 -10.55
N SER A 51 -2.27 14.34 -10.74
CA SER A 51 -2.57 13.36 -11.77
C SER A 51 -2.47 13.95 -13.18
N THR A 52 -2.68 15.26 -13.29
CA THR A 52 -2.56 15.90 -14.60
C THR A 52 -1.10 15.84 -15.04
N LEU A 53 -0.19 16.15 -14.11
CA LEU A 53 1.24 16.14 -14.41
C LEU A 53 1.75 14.71 -14.66
N ALA A 54 1.44 13.80 -13.75
CA ALA A 54 1.88 12.41 -13.90
C ALA A 54 1.29 11.82 -15.17
N GLY A 55 0.04 12.18 -15.47
CA GLY A 55 -0.61 11.68 -16.66
C GLY A 55 0.06 12.12 -17.95
N ARG A 56 0.40 13.41 -18.04
CA ARG A 56 1.05 13.91 -19.23
C ARG A 56 2.42 13.26 -19.39
N LEU A 57 3.14 13.09 -18.28
CA LEU A 57 4.46 12.47 -18.37
C LEU A 57 4.33 11.03 -18.88
N ALA A 58 3.29 10.34 -18.44
CA ALA A 58 3.05 8.96 -18.87
C ALA A 58 2.76 8.90 -20.37
N GLN A 59 1.95 9.82 -20.87
CA GLN A 59 1.62 9.83 -22.28
C GLN A 59 2.87 10.12 -23.11
N LEU A 60 3.68 11.06 -22.63
CA LEU A 60 4.92 11.42 -23.32
C LEU A 60 5.87 10.22 -23.34
N ALA A 61 5.91 9.49 -22.23
CA ALA A 61 6.76 8.32 -22.12
C ALA A 61 6.40 7.23 -23.13
N VAL A 62 5.11 6.89 -23.24
CA VAL A 62 4.71 5.86 -24.18
C VAL A 62 4.86 6.32 -25.63
N GLU A 63 4.67 7.61 -25.88
CA GLU A 63 4.84 8.12 -27.24
C GLU A 63 6.31 8.05 -27.61
N SER A 64 7.18 8.24 -26.62
CA SER A 64 8.62 8.16 -26.86
C SER A 64 9.02 6.72 -27.16
N ILE A 65 8.48 5.79 -26.38
CA ILE A 65 8.76 4.37 -26.56
C ILE A 65 8.34 3.90 -27.95
N ARG A 66 7.14 4.29 -28.37
CA ARG A 66 6.65 3.90 -29.68
C ARG A 66 7.51 4.52 -30.77
N GLU A 67 7.83 5.80 -30.58
CA GLU A 67 8.65 6.53 -31.53
C GLU A 67 9.99 5.82 -31.77
N GLU A 68 10.56 5.23 -30.72
CA GLU A 68 11.84 4.55 -30.87
C GLU A 68 11.69 3.09 -31.32
N GLY A 69 10.46 2.67 -31.60
CA GLY A 69 10.21 1.32 -32.08
C GLY A 69 9.62 0.32 -31.11
N GLY A 70 9.36 0.75 -29.89
CA GLY A 70 8.82 -0.17 -28.91
C GLY A 70 7.30 -0.12 -28.83
N ASP A 71 6.73 -0.95 -27.96
CA ASP A 71 5.29 -0.99 -27.76
C ASP A 71 4.96 -0.56 -26.34
N ALA A 72 3.97 0.32 -26.21
CA ALA A 72 3.55 0.81 -24.91
C ALA A 72 2.27 1.60 -25.07
N GLN A 73 1.45 1.61 -24.03
CA GLN A 73 0.19 2.33 -24.05
C GLN A 73 -0.09 2.91 -22.67
N PHE A 74 -0.90 3.96 -22.64
CA PHE A 74 -1.29 4.61 -21.40
C PHE A 74 -2.81 4.70 -21.31
N ILE A 75 -3.36 4.16 -20.23
CA ILE A 75 -4.81 4.21 -20.02
C ILE A 75 -5.10 5.18 -18.89
N ALA A 76 -5.76 6.29 -19.24
CA ALA A 76 -6.14 7.29 -18.27
C ALA A 76 -7.55 6.87 -17.83
N VAL A 77 -7.83 6.90 -16.54
CA VAL A 77 -9.15 6.49 -16.08
C VAL A 77 -9.83 7.43 -15.10
N ARG A 78 -11.09 7.77 -15.38
CA ARG A 78 -11.87 8.64 -14.51
C ARG A 78 -12.44 7.73 -13.42
N LEU A 79 -12.28 8.12 -12.16
CA LEU A 79 -12.77 7.33 -11.04
C LEU A 79 -13.73 8.12 -10.14
N PRO A 80 -14.83 8.62 -10.72
CA PRO A 80 -15.77 9.40 -9.90
C PRO A 80 -16.55 8.53 -8.92
N HIS A 81 -16.95 9.12 -7.81
CA HIS A 81 -17.78 8.42 -6.84
C HIS A 81 -19.13 9.08 -7.10
N GLY A 82 -19.88 8.52 -8.04
CA GLY A 82 -21.16 9.09 -8.41
C GLY A 82 -20.86 10.33 -9.23
N THR A 83 -21.53 11.44 -8.92
CA THR A 83 -21.29 12.68 -9.64
C THR A 83 -20.15 13.42 -8.96
N GLN A 84 -19.09 13.70 -9.71
CA GLN A 84 -17.94 14.42 -9.16
C GLN A 84 -18.17 15.91 -9.37
N GLN A 85 -18.10 16.67 -8.28
CA GLN A 85 -18.32 18.11 -8.32
C GLN A 85 -17.53 18.83 -9.42
N ASP A 86 -16.28 18.43 -9.62
CA ASP A 86 -15.46 19.09 -10.63
C ASP A 86 -15.09 18.18 -11.82
N GLU A 87 -16.10 17.48 -12.32
CA GLU A 87 -15.93 16.60 -13.47
C GLU A 87 -15.38 17.41 -14.65
N ASP A 88 -15.85 18.65 -14.78
CA ASP A 88 -15.41 19.50 -15.88
C ASP A 88 -13.90 19.70 -15.91
N ASP A 89 -13.28 19.82 -14.75
CA ASP A 89 -11.83 19.99 -14.67
C ASP A 89 -11.12 18.70 -15.02
N ALA A 90 -11.75 17.57 -14.72
CA ALA A 90 -11.17 16.26 -15.03
C ALA A 90 -11.19 16.10 -16.56
N GLN A 91 -12.25 16.59 -17.19
CA GLN A 91 -12.36 16.51 -18.64
C GLN A 91 -11.30 17.40 -19.28
N LEU A 92 -11.06 18.56 -18.67
CA LEU A 92 -10.04 19.48 -19.19
C LEU A 92 -8.66 18.82 -19.09
N ALA A 93 -8.44 18.09 -18.00
CA ALA A 93 -7.17 17.41 -17.79
C ALA A 93 -6.98 16.36 -18.88
N LEU A 94 -8.02 15.59 -19.14
CA LEU A 94 -7.96 14.55 -20.17
C LEU A 94 -7.67 15.18 -21.53
N LYS A 95 -8.28 16.35 -21.78
CA LYS A 95 -8.11 17.06 -23.04
C LYS A 95 -6.64 17.45 -23.24
N PHE A 96 -5.97 17.79 -22.14
CA PHE A 96 -4.55 18.18 -22.17
C PHE A 96 -3.63 16.97 -22.27
N ILE A 97 -3.90 15.97 -21.44
CA ILE A 97 -3.09 14.75 -21.41
C ILE A 97 -3.09 14.03 -22.76
N LYS A 98 -4.27 13.95 -23.39
CA LYS A 98 -4.42 13.26 -24.67
C LYS A 98 -3.92 11.82 -24.55
N PRO A 99 -4.48 11.06 -23.60
CA PRO A 99 -4.07 9.66 -23.40
C PRO A 99 -4.45 8.74 -24.55
N ASP A 100 -3.67 7.66 -24.70
CA ASP A 100 -3.94 6.68 -25.75
C ASP A 100 -5.36 6.17 -25.58
N LYS A 101 -5.73 5.88 -24.33
CA LYS A 101 -7.07 5.38 -24.02
C LYS A 101 -7.64 6.10 -22.82
N SER A 102 -8.93 6.45 -22.92
CA SER A 102 -9.62 7.16 -21.85
C SER A 102 -10.75 6.26 -21.34
N TRP A 103 -10.56 5.69 -20.16
CA TRP A 103 -11.54 4.79 -19.54
C TRP A 103 -12.22 5.47 -18.35
N LYS A 104 -13.22 4.80 -17.79
CA LYS A 104 -13.94 5.33 -16.64
C LYS A 104 -14.54 4.21 -15.80
N PHE A 105 -14.49 4.38 -14.48
CA PHE A 105 -15.03 3.39 -13.54
C PHE A 105 -15.62 4.15 -12.35
N ASP A 106 -16.93 4.10 -12.21
CA ASP A 106 -17.63 4.77 -11.11
C ASP A 106 -17.52 3.85 -9.89
N ILE A 107 -16.83 4.30 -8.85
CA ILE A 107 -16.64 3.49 -7.65
C ILE A 107 -17.79 3.51 -6.63
N LYS A 108 -18.82 4.31 -6.87
CA LYS A 108 -19.93 4.41 -5.92
C LYS A 108 -20.59 3.09 -5.53
N SER A 109 -21.00 2.29 -6.50
CA SER A 109 -21.66 1.02 -6.18
C SER A 109 -20.79 0.11 -5.31
N THR A 110 -19.49 0.11 -5.56
CA THR A 110 -18.57 -0.73 -4.79
C THR A 110 -18.45 -0.21 -3.36
N VAL A 111 -18.26 1.10 -3.22
CA VAL A 111 -18.15 1.72 -1.91
C VAL A 111 -19.46 1.55 -1.13
N SER A 112 -20.59 1.69 -1.82
CA SER A 112 -21.89 1.54 -1.17
C SER A 112 -22.09 0.11 -0.65
N ALA A 113 -21.71 -0.86 -1.48
CA ALA A 113 -21.84 -2.26 -1.08
C ALA A 113 -21.01 -2.53 0.17
N PHE A 114 -19.79 -2.03 0.17
CA PHE A 114 -18.89 -2.21 1.32
C PHE A 114 -19.46 -1.53 2.56
N SER A 115 -19.87 -0.28 2.39
CA SER A 115 -20.42 0.51 3.49
C SER A 115 -21.68 -0.12 4.07
N ASP A 116 -22.55 -0.62 3.21
CA ASP A 116 -23.79 -1.26 3.65
C ASP A 116 -23.45 -2.54 4.40
N GLN A 117 -22.48 -3.28 3.89
CA GLN A 117 -22.05 -4.53 4.53
C GLN A 117 -21.45 -4.26 5.90
N TYR A 118 -20.65 -3.20 6.01
CA TYR A 118 -20.01 -2.87 7.28
C TYR A 118 -21.05 -2.63 8.37
N GLN A 119 -22.05 -1.82 8.05
CA GLN A 119 -23.10 -1.52 9.02
C GLN A 119 -23.89 -2.79 9.36
N GLN A 120 -24.18 -3.60 8.36
CA GLN A 120 -24.92 -4.84 8.58
C GLN A 120 -24.15 -5.80 9.49
N GLU A 121 -22.83 -5.86 9.32
CA GLU A 121 -22.00 -6.75 10.11
C GLU A 121 -21.68 -6.24 11.53
N THR A 122 -21.44 -4.94 11.65
CA THR A 122 -21.06 -4.36 12.94
C THR A 122 -22.12 -3.52 13.65
N GLY A 123 -23.12 -3.07 12.90
CA GLY A 123 -24.15 -2.25 13.52
C GLY A 123 -23.67 -0.81 13.55
N ASP A 124 -22.43 -0.58 13.11
CA ASP A 124 -21.86 0.76 13.08
C ASP A 124 -21.83 1.34 11.66
N GLN A 125 -22.09 2.63 11.56
CA GLN A 125 -22.04 3.30 10.27
C GLN A 125 -20.64 3.90 10.17
N LEU A 126 -19.94 3.62 9.08
CA LEU A 126 -18.60 4.17 8.90
C LEU A 126 -18.62 5.69 9.03
N THR A 127 -17.62 6.25 9.69
CA THR A 127 -17.55 7.70 9.82
C THR A 127 -17.29 8.22 8.41
N ASP A 128 -17.61 9.48 8.16
CA ASP A 128 -17.39 10.04 6.83
C ASP A 128 -15.93 9.85 6.42
N PHE A 129 -15.03 10.06 7.39
CA PHE A 129 -13.60 9.92 7.14
C PHE A 129 -13.22 8.49 6.74
N ASN A 130 -13.60 7.51 7.53
CA ASN A 130 -13.25 6.13 7.20
C ASN A 130 -13.87 5.68 5.89
N LYS A 131 -15.08 6.16 5.58
CA LYS A 131 -15.72 5.79 4.32
C LYS A 131 -14.92 6.43 3.20
N GLY A 132 -14.36 7.60 3.47
CA GLY A 132 -13.57 8.28 2.47
C GLY A 132 -12.36 7.44 2.11
N ASN A 133 -11.74 6.84 3.12
CA ASN A 133 -10.57 6.00 2.87
C ASN A 133 -10.95 4.75 2.10
N VAL A 134 -12.19 4.30 2.26
CA VAL A 134 -12.65 3.13 1.52
C VAL A 134 -12.71 3.56 0.06
N LYS A 135 -13.10 4.81 -0.19
CA LYS A 135 -13.17 5.33 -1.56
C LYS A 135 -11.78 5.33 -2.18
N ALA A 136 -10.82 5.89 -1.46
CA ALA A 136 -9.44 5.98 -1.94
C ALA A 136 -8.85 4.59 -2.21
N ARG A 137 -9.17 3.64 -1.34
CA ARG A 137 -8.66 2.29 -1.52
C ARG A 137 -9.38 1.54 -2.64
N THR A 138 -10.63 1.90 -2.89
CA THR A 138 -11.36 1.26 -3.98
C THR A 138 -10.80 1.76 -5.30
N ARG A 139 -10.36 3.02 -5.34
CA ARG A 139 -9.77 3.54 -6.58
C ARG A 139 -8.48 2.78 -6.86
N MET A 140 -7.78 2.38 -5.80
CA MET A 140 -6.56 1.61 -5.93
C MET A 140 -6.91 0.27 -6.56
N ILE A 141 -7.94 -0.39 -6.02
CA ILE A 141 -8.36 -1.68 -6.56
C ILE A 141 -8.74 -1.55 -8.04
N ALA A 142 -9.49 -0.52 -8.38
CA ALA A 142 -9.90 -0.31 -9.77
C ALA A 142 -8.71 -0.17 -10.72
N GLN A 143 -7.72 0.63 -10.32
CA GLN A 143 -6.55 0.83 -11.17
C GLN A 143 -5.75 -0.46 -11.30
N TYR A 144 -5.60 -1.19 -10.20
CA TYR A 144 -4.88 -2.44 -10.26
C TYR A 144 -5.64 -3.51 -11.04
N ALA A 145 -6.96 -3.39 -11.09
CA ALA A 145 -7.78 -4.34 -11.85
C ALA A 145 -7.49 -4.08 -13.33
N ILE A 146 -7.57 -2.82 -13.72
CA ILE A 146 -7.28 -2.46 -15.11
C ILE A 146 -5.84 -2.89 -15.40
N GLY A 147 -4.94 -2.62 -14.45
CA GLY A 147 -3.55 -3.00 -14.64
C GLY A 147 -3.34 -4.49 -14.83
N GLY A 148 -4.00 -5.29 -14.00
CA GLY A 148 -3.86 -6.74 -14.10
C GLY A 148 -4.50 -7.30 -15.36
N GLN A 149 -5.63 -6.73 -15.75
CA GLN A 149 -6.35 -7.18 -16.95
C GLN A 149 -5.61 -6.80 -18.24
N GLU A 150 -5.01 -5.62 -18.22
CA GLU A 150 -4.33 -5.12 -19.42
C GLU A 150 -2.80 -5.22 -19.42
N GLY A 151 -2.23 -5.70 -18.33
CA GLY A 151 -0.78 -5.85 -18.24
C GLY A 151 -0.04 -4.53 -18.12
N LEU A 152 -0.65 -3.58 -17.41
CA LEU A 152 -0.06 -2.26 -17.23
C LEU A 152 0.38 -2.02 -15.79
N LEU A 153 1.28 -1.06 -15.61
CA LEU A 153 1.79 -0.69 -14.30
C LEU A 153 0.95 0.47 -13.76
N VAL A 154 0.71 0.47 -12.45
CA VAL A 154 -0.09 1.52 -11.84
C VAL A 154 0.81 2.68 -11.40
N LEU A 155 0.57 3.86 -11.96
CA LEU A 155 1.34 5.05 -11.62
C LEU A 155 0.82 5.67 -10.32
N GLY A 156 1.74 6.16 -9.51
CA GLY A 156 1.39 6.82 -8.25
C GLY A 156 1.70 8.30 -8.39
N THR A 157 1.05 9.15 -7.60
CA THR A 157 1.26 10.59 -7.72
C THR A 157 2.01 11.25 -6.56
N ASP A 158 2.53 10.44 -5.64
CA ASP A 158 3.25 10.99 -4.50
C ASP A 158 4.43 11.87 -4.89
N HIS A 159 4.64 12.93 -4.13
CA HIS A 159 5.72 13.87 -4.35
C HIS A 159 6.14 14.41 -2.98
N ALA A 160 7.18 15.23 -2.95
CA ALA A 160 7.70 15.77 -1.70
C ALA A 160 6.71 16.58 -0.85
N ALA A 161 5.92 17.44 -1.50
CA ALA A 161 4.98 18.27 -0.77
C ALA A 161 3.87 17.45 -0.09
N GLU A 162 3.69 16.21 -0.55
CA GLU A 162 2.69 15.33 0.05
C GLU A 162 3.38 14.38 1.03
N ALA A 163 4.56 13.92 0.66
CA ALA A 163 5.32 12.99 1.50
C ALA A 163 5.68 13.59 2.85
N VAL A 164 6.09 14.87 2.85
CA VAL A 164 6.46 15.52 4.10
C VAL A 164 5.35 15.57 5.15
N THR A 165 4.09 15.70 4.70
CA THR A 165 2.94 15.76 5.61
C THR A 165 2.28 14.39 5.78
N GLY A 166 2.60 13.46 4.89
CA GLY A 166 2.00 12.14 4.97
C GLY A 166 0.52 12.20 4.69
N PHE A 167 0.09 13.27 4.02
CA PHE A 167 -1.32 13.45 3.71
C PHE A 167 -1.74 12.69 2.45
N PHE A 168 -2.01 11.41 2.63
CA PHE A 168 -2.47 10.53 1.56
C PHE A 168 -2.94 9.24 2.22
N THR A 169 -3.70 8.43 1.51
CA THR A 169 -4.24 7.19 2.07
C THR A 169 -3.33 5.98 1.89
N LYS A 170 -2.89 5.40 3.00
CA LYS A 170 -2.04 4.21 2.96
C LYS A 170 -2.79 3.11 2.20
N TYR A 171 -2.18 2.60 1.13
CA TYR A 171 -2.77 1.55 0.31
C TYR A 171 -3.96 2.04 -0.50
N GLY A 172 -4.09 3.36 -0.59
CA GLY A 172 -5.14 3.97 -1.37
C GLY A 172 -4.39 4.68 -2.47
N ASP A 173 -4.45 6.01 -2.50
CA ASP A 173 -3.71 6.78 -3.48
C ASP A 173 -2.22 6.57 -3.25
N GLY A 174 -1.87 6.08 -2.06
CA GLY A 174 -0.49 5.82 -1.73
C GLY A 174 0.00 4.50 -2.33
N GLY A 175 -0.93 3.66 -2.78
CA GLY A 175 -0.55 2.38 -3.36
C GLY A 175 -0.35 2.48 -4.86
N ALA A 176 0.85 2.16 -5.32
CA ALA A 176 1.15 2.22 -6.75
C ALA A 176 2.41 1.42 -7.09
N ASP A 177 2.69 1.26 -8.39
CA ASP A 177 3.88 0.51 -8.80
C ASP A 177 5.11 1.40 -8.97
N LEU A 178 4.92 2.60 -9.52
CA LEU A 178 6.05 3.52 -9.69
C LEU A 178 5.60 4.97 -9.57
N LEU A 179 6.53 5.83 -9.17
CA LEU A 179 6.24 7.24 -8.92
C LEU A 179 7.10 8.21 -9.74
N PRO A 180 6.50 8.87 -10.73
CA PRO A 180 7.30 9.81 -11.53
C PRO A 180 7.49 11.18 -10.87
N LEU A 181 6.72 11.49 -9.83
CA LEU A 181 6.81 12.80 -9.21
C LEU A 181 7.64 12.91 -7.92
N THR A 182 8.24 11.81 -7.50
CA THR A 182 9.04 11.82 -6.28
C THR A 182 10.08 12.96 -6.26
N GLY A 183 10.15 13.68 -5.14
CA GLY A 183 11.10 14.77 -4.99
C GLY A 183 10.62 16.17 -5.34
N LEU A 184 9.55 16.27 -6.13
CA LEU A 184 9.00 17.56 -6.53
C LEU A 184 8.15 18.22 -5.46
N THR A 185 8.30 19.54 -5.31
CA THR A 185 7.48 20.29 -4.36
C THR A 185 6.21 20.63 -5.15
N LYS A 186 5.21 21.20 -4.48
CA LYS A 186 3.96 21.52 -5.16
C LYS A 186 4.16 22.58 -6.25
N ARG A 187 4.87 23.66 -5.93
CA ARG A 187 5.09 24.71 -6.92
C ARG A 187 5.96 24.22 -8.07
N GLN A 188 6.90 23.31 -7.78
CA GLN A 188 7.75 22.77 -8.82
C GLN A 188 6.91 21.93 -9.78
N GLY A 189 5.88 21.28 -9.24
CA GLY A 189 5.00 20.48 -10.08
C GLY A 189 4.27 21.41 -11.04
N ARG A 190 3.86 22.56 -10.53
CA ARG A 190 3.17 23.57 -11.34
C ARG A 190 4.11 24.05 -12.45
N THR A 191 5.37 24.29 -12.08
CA THR A 191 6.36 24.75 -13.04
C THR A 191 6.53 23.76 -14.19
N LEU A 192 6.47 22.45 -13.89
CA LEU A 192 6.59 21.45 -14.94
C LEU A 192 5.34 21.50 -15.82
N LEU A 193 4.17 21.68 -15.19
CA LEU A 193 2.93 21.76 -15.95
C LEU A 193 2.99 22.95 -16.92
N LYS A 194 3.56 24.05 -16.45
CA LYS A 194 3.71 25.26 -17.27
C LYS A 194 4.60 24.95 -18.48
N GLU A 195 5.71 24.26 -18.22
CA GLU A 195 6.64 23.90 -19.27
C GLU A 195 5.95 22.97 -20.29
N LEU A 196 5.05 22.14 -19.80
CA LEU A 196 4.31 21.20 -20.66
C LEU A 196 3.11 21.84 -21.35
N GLY A 197 2.84 23.11 -21.04
CA GLY A 197 1.75 23.83 -21.67
C GLY A 197 0.34 23.51 -21.21
N ALA A 198 0.18 23.15 -19.95
CA ALA A 198 -1.15 22.83 -19.43
C ALA A 198 -2.03 24.07 -19.32
N PRO A 199 -3.35 23.90 -19.45
CA PRO A 199 -4.25 25.05 -19.35
C PRO A 199 -4.17 25.53 -17.89
N GLU A 200 -3.93 26.82 -17.69
CA GLU A 200 -3.75 27.37 -16.35
C GLU A 200 -4.73 26.87 -15.27
N ARG A 201 -5.99 26.68 -15.64
CA ARG A 201 -6.98 26.21 -14.68
C ARG A 201 -6.57 24.93 -13.95
N LEU A 202 -5.92 24.01 -14.67
CA LEU A 202 -5.49 22.75 -14.06
C LEU A 202 -4.48 22.90 -12.92
N TYR A 203 -3.82 24.05 -12.82
CA TYR A 203 -2.87 24.22 -11.75
C TYR A 203 -3.15 25.43 -10.84
N LEU A 204 -4.39 25.92 -10.90
CA LEU A 204 -4.80 27.07 -10.10
C LEU A 204 -5.93 26.72 -9.13
N LYS A 205 -6.42 25.47 -9.18
CA LYS A 205 -7.48 25.05 -8.27
C LYS A 205 -6.87 24.54 -6.96
N GLU A 206 -7.63 24.63 -5.88
CA GLU A 206 -7.11 24.19 -4.58
C GLU A 206 -6.94 22.67 -4.50
N PRO A 207 -5.77 22.22 -4.04
CA PRO A 207 -5.54 20.78 -3.93
C PRO A 207 -6.56 20.20 -2.97
N THR A 208 -7.13 19.06 -3.31
CA THR A 208 -8.11 18.43 -2.45
C THR A 208 -8.19 16.93 -2.76
N ALA A 209 -8.40 16.14 -1.73
CA ALA A 209 -8.53 14.69 -1.87
C ALA A 209 -9.98 14.38 -2.22
N ASP A 210 -10.88 15.30 -1.86
CA ASP A 210 -12.31 15.17 -2.12
C ASP A 210 -12.84 13.76 -1.85
N LEU A 211 -12.70 13.32 -0.60
CA LEU A 211 -13.15 11.97 -0.20
C LEU A 211 -14.37 11.96 0.71
N LEU A 212 -14.75 13.11 1.26
CA LEU A 212 -15.87 13.18 2.19
C LEU A 212 -17.25 13.49 1.59
N ASP A 213 -18.26 12.76 2.04
CA ASP A 213 -19.64 12.97 1.58
C ASP A 213 -20.18 14.29 2.13
N GLU A 214 -19.97 14.51 3.43
CA GLU A 214 -20.47 15.70 4.11
C GLU A 214 -19.66 16.98 3.89
N LYS A 215 -18.40 16.83 3.47
CA LYS A 215 -17.53 17.98 3.21
C LYS A 215 -16.77 17.74 1.92
N PRO A 216 -17.46 17.74 0.77
CA PRO A 216 -16.77 17.51 -0.49
C PRO A 216 -15.79 18.62 -0.87
N GLN A 217 -14.75 18.25 -1.61
CA GLN A 217 -13.73 19.18 -2.07
C GLN A 217 -13.00 19.91 -0.93
N GLN A 218 -12.91 19.26 0.23
CA GLN A 218 -12.20 19.87 1.36
C GLN A 218 -10.74 20.07 0.99
N SER A 219 -10.28 21.32 1.01
CA SER A 219 -8.89 21.63 0.64
C SER A 219 -7.85 21.01 1.57
N ASP A 220 -6.70 20.63 1.02
CA ASP A 220 -5.62 20.05 1.81
C ASP A 220 -5.19 21.04 2.90
N GLU A 221 -5.02 22.30 2.50
CA GLU A 221 -4.58 23.34 3.43
C GLU A 221 -5.51 23.52 4.63
N THR A 222 -6.81 23.39 4.40
CA THR A 222 -7.76 23.54 5.50
C THR A 222 -7.56 22.40 6.49
N GLU A 223 -7.43 21.20 5.96
CA GLU A 223 -7.25 20.02 6.79
C GLU A 223 -5.89 19.98 7.50
N LEU A 224 -4.86 20.44 6.81
CA LEU A 224 -3.50 20.45 7.36
C LEU A 224 -3.15 21.62 8.26
N GLY A 225 -3.81 22.75 8.04
CA GLY A 225 -3.52 23.93 8.84
C GLY A 225 -2.18 24.53 8.43
N ILE A 226 -1.82 24.32 7.17
CA ILE A 226 -0.57 24.85 6.63
C ILE A 226 -0.73 24.94 5.12
N SER A 227 -0.17 26.00 4.52
CA SER A 227 -0.28 26.20 3.09
C SER A 227 0.82 25.51 2.29
N TYR A 228 0.57 25.29 1.00
CA TYR A 228 1.58 24.64 0.18
C TYR A 228 2.78 25.57 -0.03
N ASP A 229 2.56 26.88 0.03
CA ASP A 229 3.67 27.81 -0.12
C ASP A 229 4.63 27.67 1.06
N GLU A 230 4.09 27.39 2.25
CA GLU A 230 4.92 27.22 3.43
C GLU A 230 5.62 25.88 3.34
N ILE A 231 4.88 24.87 2.91
CA ILE A 231 5.42 23.52 2.75
C ILE A 231 6.56 23.54 1.74
N ASP A 232 6.33 24.19 0.60
CA ASP A 232 7.34 24.26 -0.44
C ASP A 232 8.57 25.06 -0.02
N ASP A 233 8.36 26.14 0.73
CA ASP A 233 9.48 26.96 1.20
C ASP A 233 10.37 26.11 2.10
N TYR A 234 9.74 25.35 2.98
CA TYR A 234 10.46 24.47 3.89
C TYR A 234 11.24 23.41 3.12
N LEU A 235 10.58 22.75 2.17
CA LEU A 235 11.22 21.70 1.38
C LEU A 235 12.34 22.21 0.46
N GLU A 236 12.19 23.43 -0.05
CA GLU A 236 13.20 23.99 -0.93
C GLU A 236 14.35 24.62 -0.17
N GLY A 237 14.35 24.45 1.15
CA GLY A 237 15.42 24.96 1.98
C GLY A 237 15.42 26.45 2.24
N LYS A 238 14.31 27.12 1.94
CA LYS A 238 14.23 28.56 2.18
C LYS A 238 14.07 28.80 3.68
N GLU A 239 14.31 30.03 4.12
CA GLU A 239 14.19 30.35 5.53
C GLU A 239 12.72 30.57 5.84
N VAL A 240 12.16 29.67 6.65
CA VAL A 240 10.76 29.76 7.02
C VAL A 240 10.61 30.06 8.51
N SER A 241 9.42 30.54 8.88
CA SER A 241 9.13 30.85 10.26
C SER A 241 9.22 29.57 11.08
N ALA A 242 9.56 29.69 12.35
CA ALA A 242 9.69 28.54 13.23
C ALA A 242 8.40 27.72 13.35
N LYS A 243 7.25 28.39 13.23
CA LYS A 243 5.97 27.69 13.34
C LYS A 243 5.79 26.66 12.22
N VAL A 244 6.30 26.98 11.04
CA VAL A 244 6.19 26.06 9.91
C VAL A 244 7.08 24.85 10.15
N SER A 245 8.32 25.10 10.58
CA SER A 245 9.26 24.03 10.85
C SER A 245 8.73 23.06 11.91
N GLU A 246 8.20 23.60 12.99
CA GLU A 246 7.69 22.76 14.07
C GLU A 246 6.53 21.88 13.60
N ALA A 247 5.58 22.51 12.91
CA ALA A 247 4.41 21.80 12.41
C ALA A 247 4.76 20.68 11.43
N LEU A 248 5.58 20.99 10.43
CA LEU A 248 5.97 20.00 9.43
C LEU A 248 6.83 18.88 9.97
N GLU A 249 7.77 19.22 10.85
CA GLU A 249 8.64 18.20 11.41
C GLU A 249 7.85 17.25 12.29
N LYS A 250 6.82 17.77 12.96
CA LYS A 250 5.98 16.94 13.81
C LYS A 250 5.19 15.95 12.93
N ARG A 251 4.57 16.46 11.87
CA ARG A 251 3.81 15.60 10.96
C ARG A 251 4.69 14.56 10.28
N TYR A 252 5.89 14.96 9.87
CA TYR A 252 6.81 14.05 9.21
C TYR A 252 7.13 12.85 10.12
N SER A 253 7.43 13.14 11.37
CA SER A 253 7.77 12.10 12.34
C SER A 253 6.61 11.13 12.58
N MET A 254 5.41 11.68 12.75
CA MET A 254 4.22 10.87 13.01
C MET A 254 3.78 10.00 11.85
N THR A 255 4.07 10.43 10.63
CA THR A 255 3.66 9.69 9.45
C THR A 255 4.74 8.87 8.76
N GLU A 256 5.84 8.58 9.46
CA GLU A 256 6.89 7.80 8.85
C GLU A 256 6.41 6.42 8.38
N HIS A 257 5.47 5.84 9.13
CA HIS A 257 4.95 4.51 8.77
C HIS A 257 4.33 4.50 7.37
N LYS A 258 3.89 5.65 6.89
CA LYS A 258 3.29 5.71 5.55
C LYS A 258 4.35 5.69 4.45
N ARG A 259 5.59 6.00 4.82
CA ARG A 259 6.67 6.05 3.84
C ARG A 259 7.60 4.83 3.91
N GLN A 260 7.20 3.84 4.70
CA GLN A 260 8.00 2.62 4.86
C GLN A 260 7.12 1.40 4.62
N VAL A 261 7.76 0.26 4.34
CA VAL A 261 7.00 -0.98 4.18
C VAL A 261 6.54 -1.31 5.60
N PRO A 262 5.60 -2.26 5.77
CA PRO A 262 5.13 -2.63 7.10
C PRO A 262 6.26 -2.83 8.10
N ALA A 263 6.05 -2.41 9.34
CA ALA A 263 7.07 -2.51 10.38
C ALA A 263 7.32 -3.92 10.94
N SER A 264 8.60 -4.23 11.15
CA SER A 264 9.00 -5.52 11.73
C SER A 264 9.96 -5.20 12.88
N MET A 265 10.26 -6.20 13.70
CA MET A 265 11.15 -5.99 14.84
C MET A 265 12.59 -5.67 14.42
N PHE A 266 12.91 -5.89 13.14
CA PHE A 266 14.25 -5.61 12.65
C PHE A 266 14.42 -4.17 12.15
N ASP A 267 13.32 -3.43 12.13
CA ASP A 267 13.37 -2.03 11.71
C ASP A 267 13.59 -1.13 12.92
N ASP A 268 14.23 0.01 12.70
CA ASP A 268 14.48 0.94 13.79
C ASP A 268 13.82 2.31 13.57
N TRP A 269 13.28 2.54 12.38
CA TRP A 269 12.66 3.82 12.09
C TRP A 269 11.46 4.18 12.96
N TRP A 270 10.83 3.17 13.57
CA TRP A 270 9.66 3.41 14.41
C TRP A 270 9.92 3.55 15.90
N LYS A 271 11.12 3.18 16.34
CA LYS A 271 11.47 3.25 17.76
C LYS A 271 11.67 4.66 18.30
N SER B 1 27.40 -15.35 -1.27
CA SER B 1 26.48 -15.97 -2.27
C SER B 1 25.13 -15.27 -2.26
N MET B 2 24.33 -15.50 -3.28
CA MET B 2 23.01 -14.90 -3.36
C MET B 2 22.12 -15.46 -2.24
N GLN B 3 22.35 -16.72 -1.88
CA GLN B 3 21.57 -17.37 -0.82
C GLN B 3 21.83 -16.70 0.52
N GLU B 4 23.09 -16.34 0.77
CA GLU B 4 23.46 -15.68 2.02
C GLU B 4 22.87 -14.27 2.07
N LYS B 5 22.88 -13.59 0.92
CA LYS B 5 22.36 -12.23 0.82
C LYS B 5 20.86 -12.22 1.12
N ILE B 6 20.13 -13.14 0.49
CA ILE B 6 18.69 -13.25 0.69
C ILE B 6 18.37 -13.65 2.13
N MET B 7 19.11 -14.62 2.64
CA MET B 7 18.92 -15.09 4.00
C MET B 7 19.05 -13.92 4.97
N ARG B 8 20.07 -13.10 4.72
CA ARG B 8 20.34 -11.92 5.54
C ARG B 8 19.26 -10.85 5.38
N GLU B 9 18.88 -10.58 4.14
CA GLU B 9 17.87 -9.57 3.85
C GLU B 9 16.51 -9.90 4.43
N LEU B 10 16.18 -11.18 4.51
CA LEU B 10 14.89 -11.62 5.04
C LEU B 10 14.93 -11.92 6.54
N HIS B 11 16.11 -11.73 7.14
CA HIS B 11 16.30 -11.95 8.57
C HIS B 11 16.05 -13.37 9.05
N VAL B 12 16.50 -14.35 8.29
CA VAL B 12 16.28 -15.74 8.66
C VAL B 12 17.43 -16.31 9.49
N LYS B 13 17.07 -17.05 10.53
CA LYS B 13 18.06 -17.70 11.39
C LYS B 13 18.06 -19.16 10.99
N PRO B 14 19.25 -19.77 10.83
CA PRO B 14 19.30 -21.19 10.45
C PRO B 14 18.67 -22.07 11.52
N SER B 15 18.83 -21.66 12.78
CA SER B 15 18.29 -22.40 13.91
C SER B 15 17.60 -21.43 14.86
N ILE B 16 16.48 -21.86 15.44
CA ILE B 16 15.75 -20.99 16.36
C ILE B 16 15.39 -21.66 17.69
N ASP B 17 15.12 -20.81 18.68
CA ASP B 17 14.69 -21.26 19.99
C ASP B 17 13.22 -20.81 20.01
N PRO B 18 12.29 -21.75 19.76
CA PRO B 18 10.84 -21.50 19.72
C PRO B 18 10.27 -20.59 20.80
N LYS B 19 10.61 -20.87 22.05
CA LYS B 19 10.10 -20.08 23.15
C LYS B 19 10.58 -18.64 23.13
N GLN B 20 11.85 -18.43 22.78
CA GLN B 20 12.37 -17.06 22.76
C GLN B 20 11.82 -16.29 21.55
N GLU B 21 11.57 -16.99 20.45
CA GLU B 21 11.02 -16.36 19.26
C GLU B 21 9.63 -15.82 19.63
N ILE B 22 8.86 -16.62 20.36
CA ILE B 22 7.53 -16.21 20.79
C ILE B 22 7.65 -14.96 21.67
N GLU B 23 8.59 -15.02 22.62
CA GLU B 23 8.83 -13.90 23.52
C GLU B 23 9.25 -12.63 22.76
N ASP B 24 10.19 -12.77 21.82
CA ASP B 24 10.67 -11.62 21.05
C ASP B 24 9.55 -11.01 20.20
N ARG B 25 8.77 -11.88 19.57
CA ARG B 25 7.70 -11.42 18.70
C ARG B 25 6.51 -10.82 19.44
N VAL B 26 6.23 -11.34 20.63
CA VAL B 26 5.15 -10.80 21.44
C VAL B 26 5.62 -9.43 21.95
N ASN B 27 6.89 -9.35 22.35
CA ASN B 27 7.47 -8.11 22.85
C ASN B 27 7.50 -7.04 21.75
N PHE B 28 7.68 -7.46 20.51
CA PHE B 28 7.69 -6.53 19.39
C PHE B 28 6.31 -5.89 19.25
N LEU B 29 5.27 -6.71 19.28
CA LEU B 29 3.90 -6.21 19.15
C LEU B 29 3.60 -5.22 20.27
N LYS B 30 3.97 -5.59 21.50
CA LYS B 30 3.75 -4.73 22.65
C LYS B 30 4.46 -3.39 22.48
N GLN B 31 5.74 -3.46 22.14
CA GLN B 31 6.55 -2.26 21.96
C GLN B 31 6.02 -1.34 20.87
N TYR B 32 5.62 -1.92 19.74
CA TYR B 32 5.11 -1.11 18.65
C TYR B 32 3.78 -0.44 18.97
N VAL B 33 2.83 -1.20 19.48
CA VAL B 33 1.51 -0.65 19.79
C VAL B 33 1.59 0.44 20.85
N LYS B 34 2.48 0.28 21.83
CA LYS B 34 2.63 1.30 22.88
C LYS B 34 3.21 2.57 22.28
N LYS B 35 4.25 2.41 21.45
CA LYS B 35 4.90 3.54 20.80
C LYS B 35 3.91 4.39 20.01
N THR B 36 3.04 3.73 19.25
CA THR B 36 2.06 4.42 18.43
C THR B 36 0.82 4.87 19.22
N GLY B 37 0.63 4.28 20.40
CA GLY B 37 -0.52 4.64 21.22
C GLY B 37 -1.84 4.13 20.69
N ALA B 38 -1.81 3.09 19.86
CA ALA B 38 -3.02 2.50 19.30
C ALA B 38 -3.73 1.67 20.37
N LYS B 39 -5.00 1.35 20.14
CA LYS B 39 -5.78 0.59 21.13
C LYS B 39 -5.62 -0.93 21.03
N GLY B 40 -4.90 -1.39 20.02
CA GLY B 40 -4.71 -2.82 19.88
C GLY B 40 -4.50 -3.24 18.43
N PHE B 41 -4.90 -4.47 18.10
CA PHE B 41 -4.73 -5.00 16.75
C PHE B 41 -6.00 -5.60 16.15
N VAL B 42 -5.94 -5.82 14.84
CA VAL B 42 -7.01 -6.45 14.08
C VAL B 42 -6.32 -7.34 13.05
N LEU B 43 -6.84 -8.55 12.86
CA LEU B 43 -6.26 -9.48 11.91
C LEU B 43 -7.31 -10.43 11.36
N GLY B 44 -7.30 -10.62 10.04
CA GLY B 44 -8.23 -11.54 9.42
C GLY B 44 -7.76 -12.95 9.72
N ILE B 45 -8.67 -13.79 10.21
CA ILE B 45 -8.36 -15.17 10.54
C ILE B 45 -8.96 -16.08 9.49
N SER B 46 -8.10 -16.77 8.74
CA SER B 46 -8.53 -17.65 7.67
C SER B 46 -8.61 -19.13 8.05
N GLY B 47 -7.91 -19.51 9.12
CA GLY B 47 -7.88 -20.89 9.53
C GLY B 47 -6.53 -21.47 9.15
N GLY B 48 -5.78 -20.70 8.37
CA GLY B 48 -4.47 -21.13 7.93
C GLY B 48 -3.39 -20.91 8.98
N GLN B 49 -2.28 -21.63 8.82
CA GLN B 49 -1.14 -21.56 9.73
C GLN B 49 -0.68 -20.16 10.10
N ASP B 50 -0.39 -19.35 9.09
CA ASP B 50 0.10 -18.00 9.28
C ASP B 50 -0.75 -17.06 10.12
N SER B 51 -2.05 -16.97 9.80
CA SER B 51 -2.93 -16.09 10.55
C SER B 51 -3.20 -16.66 11.95
N THR B 52 -3.12 -17.98 12.08
CA THR B 52 -3.35 -18.60 13.38
C THR B 52 -2.19 -18.23 14.32
N LEU B 53 -0.97 -18.27 13.79
CA LEU B 53 0.21 -17.94 14.59
C LEU B 53 0.25 -16.45 14.92
N ALA B 54 0.07 -15.60 13.92
CA ALA B 54 0.09 -14.16 14.14
C ALA B 54 -1.01 -13.77 15.12
N GLY B 55 -2.16 -14.40 14.99
CA GLY B 55 -3.28 -14.11 15.88
C GLY B 55 -3.00 -14.47 17.33
N ARG B 56 -2.47 -15.66 17.56
CA ARG B 56 -2.18 -16.09 18.92
C ARG B 56 -1.14 -15.16 19.55
N LEU B 57 -0.13 -14.77 18.77
CA LEU B 57 0.90 -13.86 19.29
C LEU B 57 0.25 -12.52 19.63
N ALA B 58 -0.68 -12.08 18.78
CA ALA B 58 -1.38 -10.82 19.03
C ALA B 58 -2.18 -10.89 20.33
N GLN B 59 -2.88 -12.00 20.54
CA GLN B 59 -3.68 -12.14 21.75
C GLN B 59 -2.78 -12.19 22.99
N LEU B 60 -1.65 -12.89 22.89
CA LEU B 60 -0.72 -12.96 24.01
C LEU B 60 -0.18 -11.56 24.31
N ALA B 61 0.03 -10.77 23.26
CA ALA B 61 0.55 -9.42 23.41
C ALA B 61 -0.41 -8.51 24.15
N VAL B 62 -1.69 -8.54 23.78
CA VAL B 62 -2.65 -7.68 24.45
C VAL B 62 -2.91 -8.10 25.89
N GLU B 63 -2.87 -9.40 26.15
CA GLU B 63 -3.10 -9.89 27.51
C GLU B 63 -1.93 -9.47 28.40
N SER B 64 -0.73 -9.44 27.82
CA SER B 64 0.47 -9.05 28.55
C SER B 64 0.41 -7.55 28.90
N ILE B 65 -0.05 -6.74 27.97
CA ILE B 65 -0.18 -5.31 28.19
C ILE B 65 -1.19 -5.04 29.30
N ARG B 66 -2.30 -5.78 29.28
CA ARG B 66 -3.32 -5.59 30.30
C ARG B 66 -2.79 -6.08 31.65
N GLU B 67 -2.01 -7.15 31.62
CA GLU B 67 -1.45 -7.69 32.85
C GLU B 67 -0.56 -6.65 33.51
N GLU B 68 0.18 -5.89 32.70
CA GLU B 68 1.05 -4.88 33.24
C GLU B 68 0.32 -3.56 33.50
N GLY B 69 -1.00 -3.60 33.44
CA GLY B 69 -1.80 -2.42 33.72
C GLY B 69 -2.24 -1.53 32.57
N GLY B 70 -1.93 -1.92 31.33
CA GLY B 70 -2.31 -1.09 30.20
C GLY B 70 -3.64 -1.46 29.57
N ASP B 71 -3.98 -0.75 28.50
CA ASP B 71 -5.22 -1.00 27.77
C ASP B 71 -4.91 -1.47 26.36
N ALA B 72 -5.46 -2.62 25.97
CA ALA B 72 -5.23 -3.15 24.64
C ALA B 72 -6.26 -4.23 24.33
N GLN B 73 -6.60 -4.38 23.05
CA GLN B 73 -7.58 -5.36 22.63
C GLN B 73 -7.19 -5.92 21.27
N PHE B 74 -7.63 -7.15 21.01
CA PHE B 74 -7.36 -7.80 19.74
C PHE B 74 -8.66 -8.25 19.10
N ILE B 75 -8.90 -7.79 17.87
CA ILE B 75 -10.08 -8.17 17.13
C ILE B 75 -9.70 -9.16 16.03
N ALA B 76 -10.20 -10.38 16.13
CA ALA B 76 -9.96 -11.41 15.13
C ALA B 76 -11.17 -11.29 14.22
N VAL B 77 -10.95 -11.26 12.91
CA VAL B 77 -12.08 -11.12 11.99
C VAL B 77 -12.07 -12.14 10.85
N ARG B 78 -13.22 -12.79 10.66
CA ARG B 78 -13.38 -13.75 9.57
C ARG B 78 -13.75 -12.92 8.35
N LEU B 79 -13.12 -13.20 7.22
CA LEU B 79 -13.39 -12.45 5.98
C LEU B 79 -13.74 -13.40 4.85
N PRO B 80 -14.82 -14.18 5.02
CA PRO B 80 -15.22 -15.13 3.98
C PRO B 80 -15.81 -14.42 2.78
N HIS B 81 -15.77 -15.10 1.64
CA HIS B 81 -16.37 -14.59 0.41
C HIS B 81 -17.59 -15.47 0.20
N GLY B 82 -18.74 -15.03 0.70
CA GLY B 82 -19.95 -15.82 0.55
C GLY B 82 -20.00 -16.94 1.58
N GLU B 87 -14.38 -23.36 6.56
CA GLU B 87 -14.86 -22.60 7.70
C GLU B 87 -14.51 -23.30 9.01
N ASP B 88 -14.59 -24.62 8.99
CA ASP B 88 -14.28 -25.44 10.16
C ASP B 88 -12.90 -25.09 10.73
N ASP B 89 -11.91 -25.00 9.85
CA ASP B 89 -10.54 -24.67 10.27
C ASP B 89 -10.47 -23.28 10.90
N ALA B 90 -11.16 -22.32 10.31
CA ALA B 90 -11.17 -20.97 10.85
C ALA B 90 -11.79 -21.02 12.24
N GLN B 91 -12.92 -21.72 12.36
CA GLN B 91 -13.59 -21.85 13.65
C GLN B 91 -12.62 -22.45 14.66
N LEU B 92 -11.86 -23.46 14.23
CA LEU B 92 -10.90 -24.11 15.09
C LEU B 92 -9.79 -23.12 15.52
N ALA B 93 -9.36 -22.29 14.58
CA ALA B 93 -8.32 -21.31 14.87
C ALA B 93 -8.81 -20.35 15.94
N LEU B 94 -10.07 -19.92 15.83
CA LEU B 94 -10.64 -19.00 16.81
C LEU B 94 -10.70 -19.65 18.19
N LYS B 95 -11.05 -20.93 18.24
CA LYS B 95 -11.12 -21.62 19.53
C LYS B 95 -9.76 -21.68 20.21
N PHE B 96 -8.70 -21.75 19.40
CA PHE B 96 -7.34 -21.81 19.93
C PHE B 96 -6.79 -20.42 20.27
N ILE B 97 -6.96 -19.48 19.34
CA ILE B 97 -6.48 -18.12 19.53
C ILE B 97 -7.14 -17.45 20.74
N LYS B 98 -8.45 -17.65 20.88
CA LYS B 98 -9.23 -17.07 21.97
C LYS B 98 -9.05 -15.56 22.00
N PRO B 99 -9.44 -14.89 20.91
CA PRO B 99 -9.33 -13.43 20.80
C PRO B 99 -10.30 -12.69 21.71
N ASP B 100 -9.94 -11.46 22.08
CA ASP B 100 -10.82 -10.67 22.92
C ASP B 100 -12.15 -10.53 22.18
N LYS B 101 -12.06 -10.24 20.89
CA LYS B 101 -13.26 -10.05 20.07
C LYS B 101 -13.21 -10.85 18.77
N SER B 102 -14.38 -11.35 18.38
CA SER B 102 -14.52 -12.14 17.16
C SER B 102 -15.55 -11.49 16.25
N TRP B 103 -15.06 -10.90 15.17
CA TRP B 103 -15.90 -10.20 14.20
C TRP B 103 -15.96 -10.95 12.87
N LYS B 104 -16.82 -10.47 11.97
CA LYS B 104 -16.96 -11.08 10.66
C LYS B 104 -17.42 -10.05 9.65
N PHE B 105 -16.84 -10.12 8.45
CA PHE B 105 -17.19 -9.22 7.37
C PHE B 105 -17.14 -10.03 6.08
N ASP B 106 -18.31 -10.27 5.50
CA ASP B 106 -18.40 -11.04 4.26
C ASP B 106 -18.09 -10.10 3.10
N ILE B 107 -17.01 -10.38 2.36
CA ILE B 107 -16.60 -9.53 1.25
C ILE B 107 -17.34 -9.77 -0.06
N LYS B 108 -18.22 -10.77 -0.07
CA LYS B 108 -18.97 -11.13 -1.28
C LYS B 108 -19.67 -9.98 -2.02
N SER B 109 -20.55 -9.26 -1.32
CA SER B 109 -21.29 -8.18 -1.95
C SER B 109 -20.41 -7.07 -2.53
N THR B 110 -19.28 -6.82 -1.88
CA THR B 110 -18.36 -5.78 -2.36
C THR B 110 -17.66 -6.21 -3.65
N VAL B 111 -17.10 -7.42 -3.64
CA VAL B 111 -16.40 -7.93 -4.82
C VAL B 111 -17.36 -8.07 -5.99
N SER B 112 -18.60 -8.45 -5.71
CA SER B 112 -19.61 -8.60 -6.76
C SER B 112 -19.96 -7.25 -7.37
N ALA B 113 -20.12 -6.24 -6.53
CA ALA B 113 -20.44 -4.90 -7.02
C ALA B 113 -19.30 -4.43 -7.92
N PHE B 114 -18.07 -4.63 -7.45
CA PHE B 114 -16.91 -4.23 -8.23
C PHE B 114 -16.85 -4.98 -9.56
N SER B 115 -17.00 -6.30 -9.49
CA SER B 115 -16.94 -7.13 -10.69
C SER B 115 -18.01 -6.76 -11.71
N ASP B 116 -19.24 -6.55 -11.25
CA ASP B 116 -20.32 -6.19 -12.15
C ASP B 116 -20.07 -4.80 -12.76
N GLN B 117 -19.56 -3.88 -11.95
CA GLN B 117 -19.27 -2.54 -12.41
C GLN B 117 -18.16 -2.58 -13.46
N TYR B 118 -17.13 -3.39 -13.20
CA TYR B 118 -16.02 -3.50 -14.14
C TYR B 118 -16.51 -3.96 -15.51
N GLN B 119 -17.38 -4.96 -15.49
CA GLN B 119 -17.93 -5.52 -16.72
C GLN B 119 -18.76 -4.52 -17.49
N GLN B 120 -19.59 -3.76 -16.77
CA GLN B 120 -20.44 -2.79 -17.46
C GLN B 120 -19.64 -1.59 -17.97
N GLU B 121 -18.56 -1.24 -17.28
CA GLU B 121 -17.73 -0.10 -17.67
C GLU B 121 -16.79 -0.43 -18.84
N THR B 122 -16.17 -1.61 -18.79
CA THR B 122 -15.21 -1.99 -19.82
C THR B 122 -15.74 -2.96 -20.86
N GLY B 123 -16.82 -3.66 -20.53
CA GLY B 123 -17.36 -4.62 -21.46
C GLY B 123 -16.58 -5.92 -21.29
N ASP B 124 -15.60 -5.90 -20.39
CA ASP B 124 -14.77 -7.08 -20.12
C ASP B 124 -15.12 -7.71 -18.78
N GLN B 125 -15.12 -9.03 -18.76
CA GLN B 125 -15.40 -9.75 -17.53
C GLN B 125 -14.09 -9.85 -16.76
N LEU B 126 -14.14 -9.66 -15.44
CA LEU B 126 -12.94 -9.77 -14.62
C LEU B 126 -12.51 -11.23 -14.60
N THR B 127 -11.30 -11.52 -15.06
CA THR B 127 -10.82 -12.90 -15.07
C THR B 127 -10.71 -13.43 -13.64
N ASP B 128 -10.61 -14.75 -13.52
CA ASP B 128 -10.50 -15.40 -12.22
C ASP B 128 -9.29 -14.90 -11.43
N PHE B 129 -8.14 -14.77 -12.10
CA PHE B 129 -6.94 -14.31 -11.41
C PHE B 129 -7.07 -12.89 -10.89
N ASN B 130 -7.58 -11.99 -11.71
CA ASN B 130 -7.71 -10.60 -11.30
C ASN B 130 -8.83 -10.44 -10.26
N LYS B 131 -9.87 -11.26 -10.36
CA LYS B 131 -10.95 -11.19 -9.39
C LYS B 131 -10.42 -11.65 -8.04
N GLY B 132 -9.48 -12.59 -8.09
CA GLY B 132 -8.88 -13.10 -6.87
C GLY B 132 -8.11 -12.00 -6.15
N ASN B 133 -7.44 -11.15 -6.91
CA ASN B 133 -6.69 -10.06 -6.30
C ASN B 133 -7.65 -9.02 -5.73
N VAL B 134 -8.82 -8.89 -6.36
CA VAL B 134 -9.82 -7.96 -5.86
C VAL B 134 -10.29 -8.46 -4.49
N LYS B 135 -10.49 -9.77 -4.36
CA LYS B 135 -10.92 -10.35 -3.09
C LYS B 135 -9.87 -10.07 -2.01
N ALA B 136 -8.60 -10.27 -2.35
CA ALA B 136 -7.52 -10.03 -1.41
C ALA B 136 -7.43 -8.56 -1.00
N ARG B 137 -7.56 -7.66 -1.97
CA ARG B 137 -7.51 -6.23 -1.65
C ARG B 137 -8.75 -5.76 -0.89
N THR B 138 -9.88 -6.42 -1.11
CA THR B 138 -11.10 -6.05 -0.40
C THR B 138 -10.95 -6.44 1.07
N ARG B 139 -10.24 -7.54 1.33
CA ARG B 139 -10.01 -7.98 2.70
C ARG B 139 -9.11 -6.96 3.39
N MET B 140 -8.23 -6.34 2.61
CA MET B 140 -7.34 -5.32 3.15
C MET B 140 -8.19 -4.12 3.56
N ILE B 141 -9.10 -3.71 2.68
CA ILE B 141 -9.96 -2.57 2.98
C ILE B 141 -10.80 -2.88 4.22
N ALA B 142 -11.28 -4.11 4.33
CA ALA B 142 -12.09 -4.51 5.47
C ALA B 142 -11.32 -4.39 6.78
N GLN B 143 -10.09 -4.92 6.81
CA GLN B 143 -9.29 -4.84 8.02
C GLN B 143 -8.93 -3.41 8.37
N TYR B 144 -8.64 -2.60 7.35
CA TYR B 144 -8.30 -1.21 7.61
C TYR B 144 -9.52 -0.40 8.01
N ALA B 145 -10.71 -0.83 7.57
CA ALA B 145 -11.91 -0.12 7.94
C ALA B 145 -12.12 -0.35 9.44
N ILE B 146 -11.95 -1.59 9.87
CA ILE B 146 -12.10 -1.93 11.29
C ILE B 146 -11.04 -1.20 12.09
N GLY B 147 -9.81 -1.24 11.61
CA GLY B 147 -8.72 -0.57 12.29
C GLY B 147 -8.99 0.92 12.44
N GLY B 148 -9.46 1.55 11.36
CA GLY B 148 -9.74 2.97 11.41
C GLY B 148 -10.90 3.30 12.33
N GLN B 149 -11.92 2.45 12.34
CA GLN B 149 -13.09 2.65 13.18
C GLN B 149 -12.79 2.42 14.65
N GLU B 150 -11.98 1.41 14.94
CA GLU B 150 -11.67 1.07 16.32
C GLU B 150 -10.32 1.50 16.89
N GLY B 151 -9.53 2.22 16.10
CA GLY B 151 -8.23 2.67 16.57
C GLY B 151 -7.22 1.54 16.73
N LEU B 152 -7.28 0.57 15.83
CA LEU B 152 -6.41 -0.60 15.88
C LEU B 152 -5.42 -0.69 14.72
N LEU B 153 -4.29 -1.36 14.99
CA LEU B 153 -3.25 -1.57 13.97
C LEU B 153 -3.53 -2.86 13.20
N VAL B 154 -3.35 -2.84 11.89
CA VAL B 154 -3.57 -4.03 11.08
C VAL B 154 -2.34 -4.92 11.06
N LEU B 155 -2.51 -6.16 11.47
CA LEU B 155 -1.43 -7.13 11.49
C LEU B 155 -1.30 -7.81 10.13
N GLY B 156 -0.05 -8.12 9.76
CA GLY B 156 0.23 -8.80 8.51
C GLY B 156 0.85 -10.15 8.82
N THR B 157 0.65 -11.13 7.95
CA THR B 157 1.19 -12.47 8.20
C THR B 157 2.43 -12.82 7.39
N ASP B 158 3.04 -11.82 6.76
CA ASP B 158 4.23 -12.06 5.96
C ASP B 158 5.38 -12.65 6.76
N HIS B 159 6.10 -13.56 6.12
CA HIS B 159 7.26 -14.20 6.72
C HIS B 159 8.26 -14.50 5.62
N ALA B 160 9.44 -15.00 5.99
CA ALA B 160 10.49 -15.28 5.00
C ALA B 160 10.10 -16.23 3.87
N ALA B 161 9.39 -17.31 4.20
CA ALA B 161 9.01 -18.28 3.17
C ALA B 161 8.03 -17.67 2.17
N GLU B 162 7.27 -16.68 2.60
CA GLU B 162 6.30 -16.03 1.72
C GLU B 162 6.97 -14.87 0.98
N ALA B 163 7.82 -14.15 1.70
CA ALA B 163 8.51 -13.00 1.12
C ALA B 163 9.47 -13.38 -0.01
N VAL B 164 10.21 -14.47 0.17
CA VAL B 164 11.17 -14.89 -0.85
C VAL B 164 10.54 -15.12 -2.22
N THR B 165 9.37 -15.76 -2.26
CA THR B 165 8.70 -16.01 -3.53
C THR B 165 7.74 -14.89 -3.91
N GLY B 166 7.56 -13.94 -3.01
CA GLY B 166 6.67 -12.84 -3.27
C GLY B 166 5.28 -13.27 -3.71
N PHE B 167 4.83 -14.42 -3.20
CA PHE B 167 3.50 -14.88 -3.56
C PHE B 167 2.47 -14.46 -2.53
N PHE B 168 1.98 -13.24 -2.73
CA PHE B 168 0.97 -12.62 -1.91
C PHE B 168 0.54 -11.43 -2.74
N THR B 169 -0.69 -10.97 -2.54
CA THR B 169 -1.19 -9.84 -3.32
C THR B 169 -0.72 -8.51 -2.77
N LYS B 170 -0.08 -7.70 -3.61
CA LYS B 170 0.38 -6.39 -3.18
C LYS B 170 -0.86 -5.57 -2.84
N TYR B 171 -0.85 -4.96 -1.65
CA TYR B 171 -1.96 -4.15 -1.17
C TYR B 171 -3.16 -5.01 -0.83
N GLY B 172 -2.93 -6.32 -0.80
CA GLY B 172 -3.97 -7.26 -0.44
C GLY B 172 -3.55 -7.73 0.94
N ASP B 173 -3.20 -9.01 1.06
CA ASP B 173 -2.74 -9.54 2.33
C ASP B 173 -1.34 -9.01 2.61
N GLY B 174 -0.74 -8.37 1.61
CA GLY B 174 0.58 -7.79 1.76
C GLY B 174 0.49 -6.43 2.44
N GLY B 175 -0.72 -5.90 2.53
CA GLY B 175 -0.92 -4.60 3.16
C GLY B 175 -1.22 -4.70 4.65
N ALA B 176 -0.32 -4.18 5.47
CA ALA B 176 -0.50 -4.22 6.92
C ALA B 176 0.33 -3.12 7.58
N ASP B 177 0.17 -2.96 8.89
CA ASP B 177 0.91 -1.95 9.64
C ASP B 177 2.17 -2.54 10.26
N LEU B 178 2.07 -3.77 10.75
CA LEU B 178 3.23 -4.45 11.35
C LEU B 178 3.18 -5.96 11.13
N LEU B 179 4.37 -6.56 11.09
CA LEU B 179 4.54 -7.98 10.80
C LEU B 179 5.30 -8.74 11.89
N PRO B 180 4.58 -9.49 12.74
CA PRO B 180 5.23 -10.25 13.81
C PRO B 180 5.96 -11.51 13.36
N LEU B 181 5.70 -11.97 12.14
CA LEU B 181 6.31 -13.21 11.64
C LEU B 181 7.55 -13.05 10.77
N THR B 182 8.02 -11.82 10.59
CA THR B 182 9.20 -11.56 9.76
C THR B 182 10.41 -12.40 10.15
N GLY B 183 11.06 -13.00 9.15
CA GLY B 183 12.24 -13.80 9.41
C GLY B 183 12.03 -15.30 9.55
N LEU B 184 10.80 -15.71 9.88
CA LEU B 184 10.50 -17.12 10.05
C LEU B 184 10.24 -17.87 8.76
N THR B 185 10.75 -19.11 8.68
CA THR B 185 10.50 -19.93 7.50
C THR B 185 9.17 -20.63 7.82
N LYS B 186 8.60 -21.31 6.83
CA LYS B 186 7.32 -21.97 7.02
C LYS B 186 7.32 -22.99 8.16
N ARG B 187 8.33 -23.85 8.21
CA ARG B 187 8.39 -24.86 9.26
C ARG B 187 8.69 -24.29 10.64
N GLN B 188 9.45 -23.20 10.69
CA GLN B 188 9.75 -22.58 11.98
C GLN B 188 8.44 -22.03 12.54
N GLY B 189 7.60 -21.51 11.66
CA GLY B 189 6.31 -20.98 12.10
C GLY B 189 5.51 -22.13 12.67
N ARG B 190 5.61 -23.28 12.00
CA ARG B 190 4.92 -24.48 12.44
C ARG B 190 5.44 -24.84 13.83
N THR B 191 6.76 -24.74 14.00
CA THR B 191 7.39 -25.05 15.28
C THR B 191 6.85 -24.15 16.39
N LEU B 192 6.65 -22.88 16.08
CA LEU B 192 6.12 -21.94 17.06
C LEU B 192 4.69 -22.30 17.46
N LEU B 193 3.87 -22.65 16.47
CA LEU B 193 2.48 -23.04 16.74
C LEU B 193 2.43 -24.27 17.62
N LYS B 194 3.37 -25.19 17.39
CA LYS B 194 3.42 -26.41 18.17
C LYS B 194 3.74 -26.08 19.62
N GLU B 195 4.73 -25.22 19.82
CA GLU B 195 5.10 -24.82 21.17
C GLU B 195 3.98 -24.08 21.87
N LEU B 196 3.17 -23.34 21.10
CA LEU B 196 2.05 -22.59 21.65
C LEU B 196 0.88 -23.50 22.03
N GLY B 197 1.02 -24.78 21.74
CA GLY B 197 -0.02 -25.74 22.09
C GLY B 197 -1.15 -25.86 21.09
N ALA B 198 -0.93 -25.40 19.87
CA ALA B 198 -1.95 -25.46 18.84
C ALA B 198 -2.19 -26.90 18.37
N PRO B 199 -3.44 -27.25 18.05
CA PRO B 199 -3.76 -28.60 17.59
C PRO B 199 -3.13 -28.87 16.21
N GLU B 200 -2.61 -30.08 16.05
CA GLU B 200 -1.95 -30.51 14.82
C GLU B 200 -2.66 -30.02 13.57
N ARG B 201 -3.98 -30.17 13.57
CA ARG B 201 -4.82 -29.78 12.44
C ARG B 201 -4.56 -28.34 11.99
N LEU B 202 -4.06 -27.52 12.89
CA LEU B 202 -3.80 -26.12 12.55
C LEU B 202 -2.37 -25.87 12.07
N TYR B 203 -1.39 -26.53 12.68
CA TYR B 203 -0.01 -26.32 12.27
C TYR B 203 0.48 -27.33 11.23
N LEU B 204 -0.42 -28.18 10.77
CA LEU B 204 -0.10 -29.19 9.76
C LEU B 204 -1.24 -29.28 8.74
N GLY B 225 5.39 -24.22 -8.16
CA GLY B 225 6.18 -25.27 -8.79
C GLY B 225 7.30 -25.77 -7.90
N ILE B 226 7.28 -25.36 -6.64
CA ILE B 226 8.30 -25.76 -5.67
C ILE B 226 7.65 -25.95 -4.30
N SER B 227 8.13 -26.94 -3.55
CA SER B 227 7.59 -27.22 -2.23
C SER B 227 8.07 -26.25 -1.16
N TYR B 228 7.31 -26.12 -0.09
CA TYR B 228 7.65 -25.23 1.01
C TYR B 228 8.88 -25.71 1.77
N ASP B 229 8.98 -27.03 1.94
CA ASP B 229 10.10 -27.58 2.67
C ASP B 229 11.41 -27.32 1.92
N GLU B 230 11.32 -27.27 0.59
CA GLU B 230 12.50 -26.99 -0.23
C GLU B 230 12.90 -25.54 -0.03
N ILE B 231 11.89 -24.67 -0.01
CA ILE B 231 12.10 -23.25 0.18
C ILE B 231 12.70 -22.98 1.56
N ASP B 232 12.15 -23.65 2.57
CA ASP B 232 12.67 -23.49 3.93
C ASP B 232 14.13 -23.94 4.02
N ASP B 233 14.47 -24.98 3.28
CA ASP B 233 15.85 -25.47 3.27
C ASP B 233 16.78 -24.39 2.74
N TYR B 234 16.38 -23.78 1.64
CA TYR B 234 17.15 -22.72 1.02
C TYR B 234 17.36 -21.57 2.00
N LEU B 235 16.26 -21.10 2.57
CA LEU B 235 16.30 -19.99 3.51
C LEU B 235 17.12 -20.26 4.77
N GLU B 236 17.05 -21.48 5.29
CA GLU B 236 17.80 -21.81 6.50
C GLU B 236 19.28 -22.13 6.24
N GLY B 237 19.72 -21.93 5.01
CA GLY B 237 21.12 -22.17 4.68
C GLY B 237 21.53 -23.60 4.39
N LYS B 238 20.61 -24.42 3.92
CA LYS B 238 20.93 -25.81 3.61
C LYS B 238 21.25 -25.94 2.12
N GLU B 239 21.86 -27.07 1.75
CA GLU B 239 22.20 -27.32 0.35
C GLU B 239 20.95 -27.68 -0.45
N VAL B 240 20.82 -27.08 -1.63
CA VAL B 240 19.68 -27.34 -2.49
C VAL B 240 20.17 -27.46 -3.94
N SER B 241 19.38 -28.14 -4.77
CA SER B 241 19.74 -28.32 -6.17
C SER B 241 19.72 -26.98 -6.91
N ALA B 242 20.53 -26.87 -7.95
CA ALA B 242 20.62 -25.66 -8.74
C ALA B 242 19.23 -25.20 -9.20
N LYS B 243 18.46 -26.13 -9.76
CA LYS B 243 17.12 -25.80 -10.23
C LYS B 243 16.36 -25.00 -9.18
N VAL B 244 16.46 -25.46 -7.93
CA VAL B 244 15.78 -24.80 -6.82
C VAL B 244 16.31 -23.38 -6.62
N SER B 245 17.54 -23.27 -6.13
CA SER B 245 18.16 -21.97 -5.89
C SER B 245 18.00 -21.03 -7.09
N GLU B 246 18.21 -21.57 -8.29
CA GLU B 246 18.09 -20.78 -9.51
C GLU B 246 16.69 -20.16 -9.60
N ALA B 247 15.68 -21.02 -9.45
CA ALA B 247 14.29 -20.59 -9.52
C ALA B 247 13.94 -19.61 -8.41
N LEU B 248 14.29 -19.94 -7.18
CA LEU B 248 14.00 -19.09 -6.02
C LEU B 248 14.68 -17.73 -6.12
N GLU B 249 15.94 -17.72 -6.53
CA GLU B 249 16.69 -16.48 -6.66
C GLU B 249 16.12 -15.60 -7.76
N LYS B 250 15.54 -16.22 -8.78
CA LYS B 250 14.95 -15.47 -9.89
C LYS B 250 13.57 -14.94 -9.46
N ARG B 251 12.83 -15.79 -8.74
CA ARG B 251 11.50 -15.44 -8.24
C ARG B 251 11.66 -14.23 -7.33
N TYR B 252 12.69 -14.29 -6.48
CA TYR B 252 13.00 -13.23 -5.53
C TYR B 252 13.25 -11.91 -6.27
N SER B 253 14.15 -11.95 -7.24
CA SER B 253 14.50 -10.77 -8.02
C SER B 253 13.31 -10.12 -8.71
N MET B 254 12.46 -10.93 -9.32
CA MET B 254 11.30 -10.39 -10.03
C MET B 254 10.16 -9.91 -9.14
N THR B 255 10.18 -10.29 -7.87
CA THR B 255 9.13 -9.87 -6.94
C THR B 255 9.62 -8.87 -5.91
N GLU B 256 10.82 -8.34 -6.11
CA GLU B 256 11.38 -7.37 -5.18
C GLU B 256 10.47 -6.16 -5.02
N HIS B 257 9.71 -5.83 -6.06
CA HIS B 257 8.81 -4.67 -6.01
C HIS B 257 7.72 -4.85 -4.97
N LYS B 258 7.45 -6.09 -4.60
CA LYS B 258 6.43 -6.37 -3.60
C LYS B 258 6.98 -6.17 -2.19
N ARG B 259 8.30 -6.10 -2.07
CA ARG B 259 8.94 -5.92 -0.78
C ARG B 259 9.54 -4.53 -0.58
N GLN B 260 9.13 -3.58 -1.42
CA GLN B 260 9.63 -2.21 -1.35
C GLN B 260 8.46 -1.25 -1.53
N VAL B 261 8.65 0.01 -1.17
CA VAL B 261 7.60 1.01 -1.37
C VAL B 261 7.61 1.24 -2.88
N PRO B 262 6.62 1.98 -3.42
CA PRO B 262 6.62 2.20 -4.87
C PRO B 262 7.96 2.71 -5.41
N ALA B 263 8.34 2.23 -6.59
CA ALA B 263 9.61 2.61 -7.19
C ALA B 263 9.67 4.03 -7.74
N SER B 264 10.80 4.69 -7.52
CA SER B 264 11.03 6.03 -8.04
C SER B 264 12.40 5.99 -8.70
N MET B 265 12.73 7.01 -9.48
CA MET B 265 14.01 7.06 -10.16
C MET B 265 15.19 7.12 -9.18
N PHE B 266 14.90 7.37 -7.90
CA PHE B 266 15.94 7.43 -6.89
C PHE B 266 16.28 6.04 -6.33
N ASP B 267 15.50 5.04 -6.72
CA ASP B 267 15.73 3.67 -6.27
C ASP B 267 16.52 2.91 -7.33
N ASP B 268 17.24 1.87 -6.91
CA ASP B 268 18.02 1.06 -7.85
C ASP B 268 17.70 -0.43 -7.75
N TRP B 269 16.94 -0.82 -6.73
CA TRP B 269 16.61 -2.23 -6.55
C TRP B 269 15.89 -2.88 -7.74
N TRP B 270 15.23 -2.09 -8.57
CA TRP B 270 14.49 -2.61 -9.71
C TRP B 270 15.34 -2.74 -10.99
N LYS B 271 16.55 -2.21 -10.95
CA LYS B 271 17.43 -2.25 -12.11
C LYS B 271 18.13 -3.60 -12.34
MG MG C . -7.22 15.90 -5.70
MG MG D . -2.19 13.15 -2.97
PG APC E . -4.65 17.80 -6.35
O1G APC E . -5.76 17.28 -5.52
O2G APC E . -3.66 18.05 -5.27
O3G APC E . -4.97 19.00 -7.18
PB APC E . -4.67 15.46 -7.33
O1B APC E . -4.41 14.57 -8.48
O2B APC E . -6.14 15.23 -7.14
O3B APC E . -4.17 16.90 -7.48
PA APC E . -4.97 13.89 -4.88
O1A APC E . -6.12 14.77 -4.56
O2A APC E . -4.32 13.66 -3.58
C3A APC E . -3.83 14.74 -5.95
O5' APC E . -5.40 12.48 -5.51
C5' APC E . -4.46 11.40 -5.50
C4' APC E . -4.66 10.56 -6.72
O4' APC E . -5.83 9.70 -6.59
C3' APC E . -4.97 11.39 -7.96
O3' APC E . -3.80 11.97 -8.52
C2' APC E . -5.62 10.35 -8.86
O2' APC E . -4.67 9.51 -9.48
C1' APC E . -6.46 9.56 -7.85
N9 APC E . -7.82 10.06 -7.72
C8 APC E . -8.39 10.65 -6.62
N7 APC E . -9.64 11.03 -6.81
C5 APC E . -9.90 10.66 -8.12
C6 APC E . -11.05 10.78 -8.93
N6 APC E . -12.19 11.33 -8.51
N1 APC E . -10.98 10.31 -10.19
C2 APC E . -9.83 9.75 -10.60
N3 APC E . -8.70 9.57 -9.94
C4 APC E . -8.79 10.06 -8.69
MG MG F . -13.94 -5.66 -24.55
#